data_1IBG
#
_entry.id   1IBG
#
_cell.length_a   93.660
_cell.length_b   84.770
_cell.length_c   70.080
_cell.angle_alpha   90.00
_cell.angle_beta   127.95
_cell.angle_gamma   90.00
#
_symmetry.space_group_name_H-M   'C 1 2 1'
#
loop_
_entity.id
_entity.type
_entity.pdbx_description
1 polymer 'IGG2B-KAPPA 40-50 FAB (LIGHT CHAIN)'
2 polymer 'IGG2B-KAPPA 40-50 FAB (HEAVY CHAIN)'
3 non-polymer 'COPPER (II) ION'
4 non-polymer OUABAIN
5 water water
#
loop_
_entity_poly.entity_id
_entity_poly.type
_entity_poly.pdbx_seq_one_letter_code
_entity_poly.pdbx_strand_id
1 'polypeptide(L)'
;IVLTQSPASLAVSLGQRATISCRASKSVSTSGYSHIHWYQQKPGQPPKLLIYLASILESGVPARFSGSGSGTDFTLNIHP
VEEEDAATYYCQHSREYPLTFGAGTELELKRADAAPTVSIFPPSSEQLTSGGASVVCFLNNFYPKDINVKWKIDGSERQN
GVLNSWTDQDSKDSTYSMSSTLTLTKDEYERHNSYTCEATHKTSTSPIVKSFNRNEC
;
L
2 'polypeptide(L)'
;VHLVQSGPGLVAPSQSLSITCTVSGFSLTTYGVHWFRQPPGKGLEWLGLIWAGGNTDYNSALMSRLSINKDNSKSQVFLK
MNSLQADDTAMYYCARFRFASYYDYAVDYWGQGTSVTVSSAKTTPPSVYPLAPGCGDTTGSSVTSGCLVKGYFPEPVTVT
WNSGSLSSSVHTFPALLQSGLYTMSSSVTVPSSTWPSQTVTCSVAHPASSTTVDKKL
;
H
#
# COMPACT_ATOMS: atom_id res chain seq x y z
N ILE A 1 -18.09 4.91 -21.02
CA ILE A 1 -19.14 5.40 -20.04
C ILE A 1 -18.36 6.13 -18.91
N VAL A 2 -18.81 6.39 -17.65
CA VAL A 2 -18.15 7.06 -16.51
C VAL A 2 -18.93 6.59 -15.29
N LEU A 3 -18.21 6.16 -14.27
CA LEU A 3 -18.90 5.59 -13.13
C LEU A 3 -18.69 6.49 -11.89
N THR A 4 -19.82 6.65 -11.24
CA THR A 4 -19.87 7.48 -10.06
C THR A 4 -20.22 6.65 -8.82
N GLN A 5 -19.27 6.56 -7.88
CA GLN A 5 -19.42 5.87 -6.61
C GLN A 5 -19.72 6.84 -5.46
N SER A 6 -20.68 6.51 -4.61
CA SER A 6 -21.00 7.24 -3.37
C SER A 6 -21.24 6.18 -2.30
N PRO A 7 -20.97 6.39 -1.00
CA PRO A 7 -20.17 7.51 -0.49
C PRO A 7 -18.74 7.37 -0.95
N ALA A 8 -17.92 8.39 -0.89
CA ALA A 8 -16.54 8.20 -1.25
C ALA A 8 -15.88 7.62 -0.03
N SER A 9 -16.38 7.82 1.19
CA SER A 9 -15.78 7.15 2.35
C SER A 9 -16.92 6.65 3.19
N LEU A 10 -16.69 5.66 4.02
CA LEU A 10 -17.77 5.08 4.77
C LEU A 10 -17.16 4.47 6.02
N ALA A 11 -17.89 4.54 7.12
CA ALA A 11 -17.50 3.97 8.39
C ALA A 11 -18.77 3.27 8.84
N VAL A 12 -18.68 2.02 9.28
CA VAL A 12 -19.83 1.21 9.71
C VAL A 12 -19.30 0.33 10.81
N SER A 13 -20.05 0.17 11.87
CA SER A 13 -19.63 -0.67 12.99
C SER A 13 -19.85 -2.12 12.59
N LEU A 14 -19.21 -3.05 13.29
CA LEU A 14 -19.32 -4.45 12.90
C LEU A 14 -20.75 -4.93 13.01
N GLY A 15 -21.04 -5.90 12.18
CA GLY A 15 -22.37 -6.42 12.17
C GLY A 15 -23.25 -5.56 11.31
N GLN A 16 -22.88 -4.31 11.08
CA GLN A 16 -23.68 -3.49 10.21
C GLN A 16 -23.51 -3.86 8.76
N ARG A 17 -24.23 -3.12 7.99
CA ARG A 17 -24.39 -3.28 6.59
C ARG A 17 -23.82 -2.00 6.00
N ALA A 18 -23.20 -2.12 4.84
CA ALA A 18 -22.59 -0.99 4.16
C ALA A 18 -23.13 -1.06 2.74
N THR A 19 -23.31 0.06 2.08
CA THR A 19 -23.98 0.03 0.80
C THR A 19 -23.21 0.98 -0.06
N ILE A 20 -22.40 0.43 -0.94
CA ILE A 20 -21.59 1.22 -1.87
C ILE A 20 -22.52 1.39 -3.06
N SER A 21 -22.65 2.54 -3.70
CA SER A 21 -23.47 2.70 -4.88
C SER A 21 -22.50 2.98 -6.00
N CYS A 22 -23.04 2.91 -7.20
CA CYS A 22 -22.25 3.05 -8.40
C CYS A 22 -23.31 3.24 -9.46
N ARG A 23 -23.26 4.40 -10.07
CA ARG A 23 -24.20 4.78 -11.11
C ARG A 23 -23.41 5.16 -12.34
N ALA A 24 -23.89 4.71 -13.45
CA ALA A 24 -23.18 4.87 -14.66
C ALA A 24 -23.82 5.96 -15.48
N SER A 25 -23.04 6.56 -16.33
CA SER A 25 -23.51 7.56 -17.29
C SER A 25 -24.53 7.00 -18.28
N LYS A 26 -24.49 5.68 -18.46
CA LYS A 26 -25.22 5.02 -19.52
C LYS A 26 -25.63 3.63 -18.99
N SER A 27 -26.61 2.99 -19.65
CA SER A 27 -27.05 1.64 -19.31
C SER A 27 -25.94 0.70 -19.72
N VAL A 28 -25.16 0.26 -18.76
CA VAL A 28 -24.19 -0.78 -19.03
C VAL A 28 -24.89 -2.16 -19.05
N SER A 29 -26.14 -2.28 -19.51
CA SER A 29 -26.93 -3.51 -19.52
C SER A 29 -27.29 -3.88 -20.95
N THR A 30 -26.80 -5.00 -21.46
CA THR A 30 -27.15 -5.44 -22.80
C THR A 30 -27.92 -6.73 -22.54
N SER A 31 -29.20 -6.67 -22.97
CA SER A 31 -30.22 -7.71 -22.77
C SER A 31 -30.33 -7.79 -21.23
N GLY A 32 -30.35 -8.97 -20.59
CA GLY A 32 -30.47 -8.99 -19.14
C GLY A 32 -29.14 -9.09 -18.44
N TYR A 33 -28.07 -8.44 -18.91
CA TYR A 33 -26.80 -8.62 -18.24
C TYR A 33 -26.20 -7.26 -18.11
N SER A 34 -26.07 -6.97 -16.83
CA SER A 34 -25.44 -5.76 -16.37
C SER A 34 -23.94 -5.98 -16.30
N HIS A 35 -23.22 -5.40 -17.23
CA HIS A 35 -21.77 -5.60 -17.31
C HIS A 35 -20.99 -4.73 -16.31
N ILE A 36 -21.03 -5.01 -15.00
CA ILE A 36 -20.28 -4.24 -14.01
C ILE A 36 -19.67 -5.23 -13.05
N HIS A 37 -18.64 -4.84 -12.33
CA HIS A 37 -17.81 -5.71 -11.51
C HIS A 37 -17.44 -4.92 -10.28
N TRP A 38 -17.09 -5.62 -9.23
CA TRP A 38 -16.77 -5.04 -7.95
C TRP A 38 -15.52 -5.72 -7.46
N TYR A 39 -14.58 -4.90 -7.01
CA TYR A 39 -13.24 -5.28 -6.55
C TYR A 39 -13.03 -4.62 -5.20
N GLN A 40 -12.29 -5.36 -4.44
CA GLN A 40 -11.91 -5.01 -3.11
C GLN A 40 -10.44 -4.76 -3.26
N GLN A 41 -9.87 -3.60 -2.95
CA GLN A 41 -8.41 -3.48 -2.99
C GLN A 41 -8.13 -3.23 -1.54
N LYS A 42 -7.59 -4.23 -0.86
CA LYS A 42 -7.19 -3.99 0.53
C LYS A 42 -6.06 -2.96 0.47
N PRO A 43 -5.75 -2.25 1.56
CA PRO A 43 -4.65 -1.28 1.67
C PRO A 43 -3.48 -1.27 0.66
N GLY A 44 -2.67 -2.34 0.51
CA GLY A 44 -1.54 -2.33 -0.44
C GLY A 44 -1.32 -3.63 -1.27
N GLN A 45 -2.42 -4.26 -1.67
CA GLN A 45 -2.44 -5.50 -2.43
C GLN A 45 -2.98 -5.16 -3.81
N PRO A 46 -2.92 -5.99 -4.89
CA PRO A 46 -3.75 -5.87 -6.11
C PRO A 46 -5.25 -6.02 -5.86
N PRO A 47 -6.15 -5.57 -6.74
CA PRO A 47 -7.59 -5.82 -6.62
C PRO A 47 -7.96 -7.32 -6.56
N LYS A 48 -8.96 -7.60 -5.73
CA LYS A 48 -9.60 -8.91 -5.64
C LYS A 48 -11.03 -8.74 -6.17
N LEU A 49 -11.42 -9.56 -7.14
CA LEU A 49 -12.78 -9.61 -7.66
C LEU A 49 -13.68 -10.18 -6.55
N LEU A 50 -14.82 -9.51 -6.45
CA LEU A 50 -15.83 -9.77 -5.45
C LEU A 50 -17.04 -10.28 -6.18
N ILE A 51 -17.46 -9.56 -7.22
CA ILE A 51 -18.68 -9.81 -7.98
C ILE A 51 -18.47 -9.48 -9.46
N TYR A 52 -18.90 -10.31 -10.42
CA TYR A 52 -18.83 -9.98 -11.83
C TYR A 52 -20.22 -10.02 -12.38
N LEU A 53 -20.44 -9.22 -13.38
CA LEU A 53 -21.68 -9.15 -14.10
C LEU A 53 -22.79 -8.92 -13.10
N ALA A 54 -22.48 -7.87 -12.34
CA ALA A 54 -23.31 -7.24 -11.33
C ALA A 54 -23.77 -8.06 -10.18
N SER A 55 -24.02 -9.35 -10.33
CA SER A 55 -24.60 -10.12 -9.25
C SER A 55 -23.85 -11.40 -8.99
N ILE A 56 -23.04 -11.89 -9.93
CA ILE A 56 -22.52 -13.21 -9.73
C ILE A 56 -21.32 -13.09 -8.81
N LEU A 57 -21.18 -14.01 -7.89
CA LEU A 57 -20.10 -14.03 -6.95
C LEU A 57 -18.95 -14.86 -7.45
N GLU A 58 -17.82 -14.28 -7.10
CA GLU A 58 -16.59 -14.92 -7.40
C GLU A 58 -16.46 -15.97 -6.32
N SER A 59 -16.10 -17.16 -6.75
CA SER A 59 -15.88 -18.23 -5.80
C SER A 59 -14.69 -17.87 -4.95
N GLY A 60 -15.10 -17.99 -3.72
CA GLY A 60 -14.23 -17.72 -2.63
C GLY A 60 -14.73 -16.50 -1.89
N VAL A 61 -15.30 -15.48 -2.52
CA VAL A 61 -15.67 -14.29 -1.77
C VAL A 61 -16.93 -14.69 -1.04
N PRO A 62 -16.93 -14.44 0.28
CA PRO A 62 -17.97 -14.94 1.17
C PRO A 62 -19.29 -14.30 0.79
N ALA A 63 -20.35 -15.01 1.15
CA ALA A 63 -21.71 -14.59 0.85
C ALA A 63 -22.29 -13.35 1.58
N ARG A 64 -21.52 -12.53 2.27
CA ARG A 64 -22.08 -11.32 2.83
C ARG A 64 -21.91 -10.21 1.85
N PHE A 65 -21.29 -10.47 0.69
CA PHE A 65 -21.15 -9.51 -0.39
C PHE A 65 -22.32 -9.71 -1.31
N SER A 66 -23.11 -8.75 -1.74
CA SER A 66 -24.21 -8.98 -2.64
C SER A 66 -24.16 -7.91 -3.70
N GLY A 67 -24.39 -8.15 -4.97
CA GLY A 67 -24.41 -7.07 -5.93
C GLY A 67 -25.82 -6.96 -6.46
N SER A 68 -26.36 -5.81 -6.82
CA SER A 68 -27.73 -5.70 -7.27
C SER A 68 -27.75 -4.66 -8.36
N GLY A 69 -28.79 -4.59 -9.21
CA GLY A 69 -28.97 -3.46 -10.12
C GLY A 69 -29.15 -3.73 -11.62
N SER A 70 -29.55 -2.69 -12.34
CA SER A 70 -29.89 -2.70 -13.77
C SER A 70 -29.67 -1.30 -14.33
N GLY A 71 -29.32 -1.27 -15.61
CA GLY A 71 -29.07 -0.05 -16.35
C GLY A 71 -27.86 0.75 -15.87
N THR A 72 -28.27 1.81 -15.22
CA THR A 72 -27.41 2.82 -14.66
C THR A 72 -27.08 2.62 -13.18
N ASP A 73 -27.97 2.07 -12.37
CA ASP A 73 -27.83 2.06 -10.93
C ASP A 73 -27.35 0.70 -10.44
N PHE A 74 -26.34 0.57 -9.59
CA PHE A 74 -25.79 -0.68 -9.10
C PHE A 74 -25.45 -0.50 -7.66
N THR A 75 -25.20 -1.54 -6.87
CA THR A 75 -25.07 -1.41 -5.43
C THR A 75 -24.34 -2.60 -4.86
N LEU A 76 -23.44 -2.49 -3.92
CA LEU A 76 -22.70 -3.60 -3.34
C LEU A 76 -23.15 -3.54 -1.91
N ASN A 77 -23.55 -4.65 -1.34
CA ASN A 77 -24.00 -4.66 0.05
C ASN A 77 -23.00 -5.52 0.75
N ILE A 78 -22.58 -5.15 1.94
CA ILE A 78 -21.66 -5.95 2.71
C ILE A 78 -22.38 -5.95 4.02
N HIS A 79 -22.82 -7.06 4.53
CA HIS A 79 -23.41 -7.15 5.84
C HIS A 79 -23.26 -8.60 6.16
N PRO A 80 -22.71 -9.00 7.30
CA PRO A 80 -22.14 -8.11 8.29
C PRO A 80 -20.72 -7.76 7.94
N VAL A 81 -20.48 -6.46 8.03
CA VAL A 81 -19.17 -5.94 7.81
C VAL A 81 -18.41 -6.44 9.00
N GLU A 82 -17.38 -7.19 8.66
CA GLU A 82 -16.43 -7.72 9.61
C GLU A 82 -15.11 -6.91 9.45
N GLU A 83 -14.22 -6.89 10.46
CA GLU A 83 -12.98 -6.10 10.52
C GLU A 83 -12.05 -6.23 9.34
N GLU A 84 -12.09 -7.44 8.83
CA GLU A 84 -11.39 -7.82 7.62
C GLU A 84 -11.84 -7.00 6.41
N ASP A 85 -12.89 -6.19 6.35
CA ASP A 85 -13.20 -5.55 5.07
C ASP A 85 -12.84 -4.08 4.97
N ALA A 86 -12.02 -3.64 5.91
CA ALA A 86 -11.54 -2.27 5.89
C ALA A 86 -10.64 -2.17 4.65
N ALA A 87 -11.21 -1.83 3.52
CA ALA A 87 -10.47 -1.75 2.30
C ALA A 87 -11.12 -0.72 1.41
N THR A 88 -10.69 -0.60 0.17
CA THR A 88 -11.24 0.37 -0.75
C THR A 88 -11.97 -0.45 -1.82
N TYR A 89 -13.11 0.07 -2.24
CA TYR A 89 -13.99 -0.61 -3.16
C TYR A 89 -14.20 0.08 -4.51
N TYR A 90 -13.98 -0.66 -5.57
CA TYR A 90 -14.13 -0.18 -6.92
C TYR A 90 -15.18 -0.96 -7.65
N CYS A 91 -15.85 -0.27 -8.55
CA CYS A 91 -16.75 -0.85 -9.54
C CYS A 91 -16.16 -0.44 -10.92
N GLN A 92 -16.35 -1.33 -11.87
CA GLN A 92 -15.79 -1.19 -13.19
C GLN A 92 -16.87 -1.64 -14.14
N HIS A 93 -17.17 -0.92 -15.19
CA HIS A 93 -18.13 -1.44 -16.15
C HIS A 93 -17.29 -2.11 -17.27
N SER A 94 -17.91 -2.91 -18.14
CA SER A 94 -17.21 -3.43 -19.32
C SER A 94 -18.19 -3.47 -20.45
N ARG A 95 -19.10 -2.50 -20.47
CA ARG A 95 -20.11 -2.38 -21.51
C ARG A 95 -19.53 -2.08 -22.88
N GLU A 96 -18.43 -1.35 -22.86
CA GLU A 96 -17.79 -0.86 -24.06
C GLU A 96 -16.38 -0.63 -23.56
N TYR A 97 -15.62 -0.28 -24.58
CA TYR A 97 -14.26 0.20 -24.46
C TYR A 97 -14.31 1.72 -24.45
N PRO A 98 -13.61 2.41 -23.55
CA PRO A 98 -12.79 1.77 -22.53
C PRO A 98 -13.55 1.45 -21.27
N LEU A 99 -12.81 0.51 -20.67
CA LEU A 99 -13.13 -0.13 -19.41
C LEU A 99 -12.69 0.82 -18.29
N THR A 100 -13.66 1.62 -17.86
CA THR A 100 -13.50 2.57 -16.79
C THR A 100 -14.07 2.02 -15.48
N PHE A 101 -13.31 2.42 -14.46
CA PHE A 101 -13.47 2.22 -13.03
C PHE A 101 -14.18 3.42 -12.40
N GLY A 102 -14.80 3.25 -11.28
CA GLY A 102 -15.40 4.34 -10.55
C GLY A 102 -14.35 4.68 -9.51
N ALA A 103 -14.54 5.83 -8.90
CA ALA A 103 -13.49 6.37 -8.06
C ALA A 103 -13.06 5.69 -6.78
N GLY A 104 -13.77 4.73 -6.22
CA GLY A 104 -13.37 4.12 -4.95
C GLY A 104 -14.17 4.64 -3.76
N THR A 105 -14.60 3.76 -2.86
CA THR A 105 -15.35 4.10 -1.65
C THR A 105 -14.52 3.48 -0.57
N GLU A 106 -13.92 4.24 0.32
CA GLU A 106 -13.15 3.60 1.39
C GLU A 106 -14.05 3.14 2.51
N LEU A 107 -13.82 2.01 3.12
CA LEU A 107 -14.59 1.64 4.28
C LEU A 107 -13.64 1.74 5.48
N GLU A 108 -14.17 2.22 6.57
CA GLU A 108 -13.42 2.45 7.78
C GLU A 108 -14.35 1.74 8.75
N LEU A 109 -13.91 0.81 9.57
CA LEU A 109 -14.78 0.18 10.58
C LEU A 109 -14.81 0.96 11.89
N LYS A 110 -15.98 1.41 12.37
CA LYS A 110 -16.06 2.16 13.63
C LYS A 110 -15.81 1.13 14.71
N ARG A 111 -15.28 1.59 15.81
CA ARG A 111 -14.77 0.71 16.86
C ARG A 111 -14.72 1.51 18.21
N ALA A 112 -14.39 0.90 19.33
CA ALA A 112 -14.25 1.65 20.57
C ALA A 112 -12.92 2.41 20.49
N ASP A 113 -12.87 3.50 21.23
CA ASP A 113 -11.68 4.33 21.33
C ASP A 113 -10.63 3.46 21.99
N ALA A 114 -9.41 3.58 21.49
CA ALA A 114 -8.24 2.86 21.98
C ALA A 114 -7.16 3.92 21.99
N ALA A 115 -6.40 3.90 23.07
CA ALA A 115 -5.35 4.87 23.31
C ALA A 115 -4.00 4.32 22.88
N PRO A 116 -3.03 5.16 22.47
CA PRO A 116 -1.76 4.71 21.90
C PRO A 116 -0.74 4.18 22.86
N THR A 117 0.07 3.24 22.41
CA THR A 117 1.24 2.80 23.16
C THR A 117 2.43 3.49 22.48
N VAL A 118 2.91 4.58 23.05
CA VAL A 118 3.99 5.37 22.46
C VAL A 118 5.32 4.62 22.69
N SER A 119 6.31 4.59 21.80
CA SER A 119 7.65 3.99 22.00
C SER A 119 8.68 5.02 21.57
N ILE A 120 9.81 5.27 22.25
CA ILE A 120 10.77 6.28 21.77
C ILE A 120 12.13 5.63 21.61
N PHE A 121 12.73 6.01 20.50
CA PHE A 121 13.97 5.44 20.00
C PHE A 121 15.01 6.50 19.78
N PRO A 122 16.21 6.28 20.33
CA PRO A 122 17.44 6.97 19.98
C PRO A 122 17.74 6.82 18.49
N PRO A 123 18.73 7.57 17.99
CA PRO A 123 19.34 7.35 16.67
C PRO A 123 20.36 6.23 16.71
N SER A 124 20.68 5.69 15.55
CA SER A 124 21.71 4.69 15.53
C SER A 124 23.07 5.38 15.41
N SER A 125 24.07 4.63 15.87
CA SER A 125 25.48 4.96 15.83
C SER A 125 25.85 5.20 14.39
N GLU A 126 25.42 4.28 13.58
CA GLU A 126 25.60 4.35 12.14
C GLU A 126 25.06 5.67 11.62
N GLN A 127 23.97 6.23 12.17
CA GLN A 127 23.39 7.44 11.59
C GLN A 127 24.27 8.67 11.83
N LEU A 128 24.74 8.73 13.08
CA LEU A 128 25.59 9.78 13.63
C LEU A 128 26.90 9.84 12.84
N THR A 129 27.42 8.68 12.45
CA THR A 129 28.55 8.61 11.57
C THR A 129 28.20 9.39 10.28
N SER A 130 27.01 9.39 9.71
CA SER A 130 26.75 10.24 8.54
C SER A 130 26.54 11.73 8.92
N GLY A 131 26.86 12.12 10.17
CA GLY A 131 26.65 13.47 10.71
C GLY A 131 25.20 13.81 11.07
N GLY A 132 24.25 12.89 11.13
CA GLY A 132 22.86 13.22 11.36
C GLY A 132 22.25 12.56 12.58
N ALA A 133 21.08 12.93 13.12
CA ALA A 133 20.52 12.26 14.29
C ALA A 133 19.02 12.08 14.14
N SER A 134 18.39 10.91 14.23
CA SER A 134 16.93 10.82 14.13
C SER A 134 16.38 10.24 15.39
N VAL A 135 15.34 10.84 15.91
CA VAL A 135 14.75 10.34 17.11
C VAL A 135 13.38 9.88 16.59
N VAL A 136 12.99 8.66 16.94
CA VAL A 136 11.78 8.03 16.40
C VAL A 136 10.85 7.61 17.53
N CYS A 137 9.59 7.80 17.26
CA CYS A 137 8.53 7.49 18.17
C CYS A 137 7.48 6.71 17.40
N PHE A 138 7.07 5.56 17.88
CA PHE A 138 5.99 4.83 17.25
C PHE A 138 4.81 5.03 18.17
N LEU A 139 3.75 5.67 17.75
CA LEU A 139 2.57 5.78 18.58
C LEU A 139 1.73 4.57 18.13
N ASN A 140 1.72 3.39 18.80
CA ASN A 140 1.02 2.24 18.21
C ASN A 140 -0.26 1.74 18.87
N ASN A 141 -1.15 1.41 17.92
CA ASN A 141 -2.45 0.74 18.01
C ASN A 141 -3.56 1.51 18.67
N PHE A 142 -3.93 2.64 18.11
CA PHE A 142 -4.95 3.48 18.69
C PHE A 142 -6.09 3.64 17.73
N TYR A 143 -7.21 4.04 18.26
CA TYR A 143 -8.38 4.34 17.47
C TYR A 143 -9.10 5.45 18.22
N PRO A 144 -9.66 6.49 17.59
CA PRO A 144 -9.59 6.76 16.14
C PRO A 144 -8.19 7.16 15.68
N LYS A 145 -8.14 7.59 14.42
CA LYS A 145 -6.92 7.94 13.72
C LYS A 145 -6.28 9.24 14.18
N ASP A 146 -7.08 10.26 14.52
CA ASP A 146 -6.62 11.59 14.92
C ASP A 146 -5.87 11.49 16.23
N ILE A 147 -4.65 11.92 16.08
CA ILE A 147 -3.61 11.98 17.08
C ILE A 147 -2.76 13.14 16.57
N ASN A 148 -2.06 13.82 17.46
CA ASN A 148 -1.11 14.84 17.07
C ASN A 148 0.00 14.73 18.11
N VAL A 149 1.23 14.55 17.64
CA VAL A 149 2.38 14.30 18.50
C VAL A 149 3.16 15.60 18.60
N LYS A 150 3.98 15.77 19.61
CA LYS A 150 4.82 16.93 19.72
C LYS A 150 6.14 16.39 20.19
N TRP A 151 7.14 17.09 19.72
CA TRP A 151 8.50 16.81 20.11
C TRP A 151 8.91 17.94 21.02
N LYS A 152 9.44 17.56 22.15
CA LYS A 152 9.88 18.52 23.13
C LYS A 152 11.35 18.16 23.21
N ILE A 153 12.14 19.20 23.06
CA ILE A 153 13.56 19.00 23.09
C ILE A 153 14.21 19.90 24.13
N ASP A 154 14.63 19.14 25.13
CA ASP A 154 15.38 19.51 26.29
C ASP A 154 14.67 20.28 27.35
N GLY A 155 13.97 21.31 26.96
CA GLY A 155 13.08 22.00 27.87
C GLY A 155 11.74 21.96 27.16
N SER A 156 10.69 22.73 27.45
CA SER A 156 9.47 22.66 26.62
C SER A 156 9.71 23.55 25.35
N GLU A 157 10.80 23.17 24.68
CA GLU A 157 11.22 23.78 23.46
C GLU A 157 10.54 22.77 22.53
N ARG A 158 9.82 23.25 21.55
CA ARG A 158 9.23 22.37 20.58
C ARG A 158 10.15 22.39 19.39
N GLN A 159 9.88 21.62 18.33
CA GLN A 159 10.71 21.57 17.16
C GLN A 159 9.94 21.60 15.82
N ASN A 160 10.63 21.70 14.66
CA ASN A 160 10.11 21.55 13.29
C ASN A 160 11.20 20.74 12.52
N GLY A 161 10.85 20.00 11.44
CA GLY A 161 11.71 18.98 10.81
C GLY A 161 11.23 17.59 11.28
N VAL A 162 9.92 17.47 11.40
CA VAL A 162 9.25 16.27 11.94
C VAL A 162 8.63 15.48 10.76
N LEU A 163 8.69 14.16 10.78
CA LEU A 163 8.02 13.39 9.75
C LEU A 163 7.05 12.43 10.39
N ASN A 164 5.79 12.54 10.00
CA ASN A 164 4.71 11.78 10.58
C ASN A 164 3.93 10.99 9.54
N SER A 165 3.86 9.68 9.76
CA SER A 165 3.26 8.70 8.87
C SER A 165 2.37 7.75 9.65
N TRP A 166 1.17 7.59 9.08
CA TRP A 166 0.07 6.75 9.56
C TRP A 166 -0.13 5.52 8.68
N THR A 167 -0.15 4.39 9.39
CA THR A 167 -0.60 3.13 8.78
C THR A 167 -2.10 3.23 8.62
N ASP A 168 -2.57 2.43 7.68
CA ASP A 168 -3.99 2.33 7.34
C ASP A 168 -4.58 1.43 8.43
N GLN A 169 -5.90 1.27 8.35
CA GLN A 169 -6.62 0.50 9.37
C GLN A 169 -6.29 -1.00 9.33
N ASP A 170 -5.83 -1.48 10.49
CA ASP A 170 -5.48 -2.88 10.74
C ASP A 170 -6.78 -3.70 10.54
N SER A 171 -6.58 -4.84 9.88
CA SER A 171 -7.64 -5.76 9.47
C SER A 171 -8.03 -6.80 10.50
N LYS A 172 -7.26 -6.91 11.58
CA LYS A 172 -7.50 -7.89 12.64
C LYS A 172 -8.25 -7.16 13.75
N ASP A 173 -7.65 -6.11 14.33
CA ASP A 173 -8.29 -5.22 15.32
C ASP A 173 -8.39 -3.92 14.57
N SER A 174 -9.39 -3.06 14.71
CA SER A 174 -9.45 -1.95 13.78
C SER A 174 -8.65 -0.66 14.12
N THR A 175 -7.42 -0.87 14.59
CA THR A 175 -6.51 0.19 15.02
C THR A 175 -5.60 0.77 13.92
N TYR A 176 -4.95 1.88 14.30
CA TYR A 176 -3.94 2.67 13.55
C TYR A 176 -2.66 2.79 14.33
N SER A 177 -1.54 2.97 13.65
CA SER A 177 -0.23 3.21 14.28
C SER A 177 0.49 4.37 13.56
N MET A 178 1.39 5.02 14.28
CA MET A 178 2.02 6.20 13.78
C MET A 178 3.45 6.16 14.18
N SER A 179 4.16 6.76 13.22
CA SER A 179 5.61 6.98 13.27
C SER A 179 5.83 8.45 13.14
N SER A 180 6.68 8.94 14.01
CA SER A 180 7.07 10.34 14.06
C SER A 180 8.62 10.31 14.14
N THR A 181 9.30 11.03 13.25
CA THR A 181 10.75 11.08 13.21
C THR A 181 11.15 12.55 13.29
N LEU A 182 11.83 12.87 14.36
CA LEU A 182 12.43 14.16 14.47
C LEU A 182 13.81 13.94 13.83
N THR A 183 14.23 14.71 12.86
CA THR A 183 15.55 14.48 12.31
C THR A 183 16.36 15.75 12.58
N LEU A 184 17.43 15.66 13.37
CA LEU A 184 18.37 16.72 13.78
C LEU A 184 19.72 16.56 13.06
N THR A 185 20.64 17.52 13.12
CA THR A 185 22.01 17.21 12.73
C THR A 185 22.62 16.61 14.02
N LYS A 186 23.64 15.80 13.87
CA LYS A 186 24.37 15.19 14.99
C LYS A 186 24.85 16.29 15.93
N ASP A 187 25.41 17.25 15.23
CA ASP A 187 26.11 18.43 15.73
C ASP A 187 25.24 19.48 16.46
N GLU A 188 24.04 19.05 16.84
CA GLU A 188 23.00 19.81 17.52
C GLU A 188 22.24 18.78 18.32
N TYR A 189 22.12 17.52 17.89
CA TYR A 189 21.63 16.43 18.72
C TYR A 189 22.53 16.40 19.95
N GLU A 190 23.81 16.20 19.70
CA GLU A 190 24.91 16.18 20.65
C GLU A 190 24.92 17.19 21.81
N ARG A 191 24.32 18.38 21.67
CA ARG A 191 24.36 19.39 22.73
C ARG A 191 23.01 19.66 23.40
N HIS A 192 22.23 18.60 23.64
CA HIS A 192 20.91 18.63 24.28
C HIS A 192 20.64 17.31 24.96
N ASN A 193 19.76 17.30 25.97
CA ASN A 193 19.54 16.13 26.84
C ASN A 193 18.22 15.39 26.74
N SER A 194 17.13 16.09 26.82
CA SER A 194 15.83 15.47 26.93
C SER A 194 15.17 15.59 25.59
N TYR A 195 14.51 14.50 25.24
CA TYR A 195 13.74 14.44 24.03
C TYR A 195 12.53 13.65 24.43
N THR A 196 11.44 14.38 24.36
CA THR A 196 10.10 13.95 24.72
C THR A 196 9.33 13.82 23.39
N CYS A 197 8.36 12.93 23.43
CA CYS A 197 7.45 12.63 22.37
C CYS A 197 6.18 12.66 23.21
N GLU A 198 5.29 13.60 22.97
CA GLU A 198 4.14 13.88 23.79
C GLU A 198 3.05 13.83 22.77
N ALA A 199 2.23 12.83 22.98
CA ALA A 199 1.10 12.54 22.13
C ALA A 199 -0.25 12.99 22.71
N THR A 200 -1.18 13.66 22.04
CA THR A 200 -2.50 14.03 22.59
C THR A 200 -3.68 13.40 21.79
N HIS A 201 -4.42 12.45 22.36
CA HIS A 201 -5.50 11.68 21.68
C HIS A 201 -6.80 11.52 22.47
N LYS A 202 -7.99 11.86 21.99
CA LYS A 202 -9.30 11.69 22.68
C LYS A 202 -9.57 10.93 23.99
N THR A 203 -8.90 9.81 24.11
CA THR A 203 -8.93 8.94 25.28
C THR A 203 -8.42 9.61 26.58
N SER A 204 -7.73 10.75 26.58
CA SER A 204 -7.27 11.45 27.79
C SER A 204 -7.07 12.95 27.50
N THR A 205 -7.25 13.83 28.50
CA THR A 205 -6.95 15.25 28.32
C THR A 205 -5.43 15.26 28.39
N SER A 206 -4.94 14.49 29.35
CA SER A 206 -3.53 14.23 29.57
C SER A 206 -2.92 13.66 28.29
N PRO A 207 -1.95 14.35 27.67
CA PRO A 207 -1.06 13.76 26.68
C PRO A 207 -0.24 12.64 27.25
N ILE A 208 -0.03 11.65 26.41
CA ILE A 208 0.77 10.49 26.74
C ILE A 208 2.17 11.03 26.47
N VAL A 209 3.18 10.46 27.13
CA VAL A 209 4.57 10.91 27.03
C VAL A 209 5.52 9.74 27.15
N LYS A 210 6.51 9.80 26.27
CA LYS A 210 7.68 8.93 26.31
C LYS A 210 8.81 9.91 26.13
N SER A 211 9.99 9.63 26.64
CA SER A 211 11.05 10.62 26.68
C SER A 211 12.32 9.88 27.04
N PHE A 212 13.49 10.27 26.56
CA PHE A 212 14.75 9.71 27.04
C PHE A 212 15.77 10.82 27.27
N ASN A 213 16.75 10.51 28.12
CA ASN A 213 17.84 11.41 28.54
C ASN A 213 19.08 10.89 27.82
N ARG A 214 19.86 11.63 27.02
CA ARG A 214 21.06 11.08 26.38
C ARG A 214 22.06 10.54 27.39
N ASN A 215 22.11 9.22 27.37
CA ASN A 215 22.76 8.39 28.41
C ASN A 215 24.17 7.83 28.15
N GLU A 216 25.08 8.69 28.66
CA GLU A 216 26.56 8.68 28.62
C GLU A 216 27.10 8.98 27.19
N CYS A 217 26.22 9.83 26.62
CA CYS A 217 26.28 10.59 25.36
C CYS A 217 25.89 9.85 24.07
N VAL B 1 4.58 -17.90 -11.34
CA VAL B 1 3.80 -17.55 -10.08
C VAL B 1 2.47 -17.11 -10.75
N HIS B 2 1.24 -17.31 -10.23
CA HIS B 2 0.02 -17.14 -11.07
C HIS B 2 0.06 -15.98 -12.09
N LEU B 3 0.43 -14.73 -11.80
CA LEU B 3 0.78 -13.73 -12.82
C LEU B 3 1.75 -12.83 -12.05
N VAL B 4 2.94 -12.61 -12.61
CA VAL B 4 3.93 -11.70 -12.03
C VAL B 4 4.50 -10.86 -13.16
N GLN B 5 4.69 -9.55 -12.96
CA GLN B 5 5.23 -8.63 -13.96
C GLN B 5 6.58 -8.10 -13.49
N SER B 6 7.47 -7.89 -14.42
CA SER B 6 8.79 -7.35 -14.20
C SER B 6 8.92 -6.34 -15.33
N GLY B 7 9.51 -5.19 -15.11
CA GLY B 7 9.70 -4.25 -16.22
C GLY B 7 10.37 -2.92 -15.90
N PRO B 8 10.99 -2.94 -14.76
CA PRO B 8 10.66 -1.95 -13.75
C PRO B 8 11.57 -0.72 -13.64
N GLY B 9 11.28 -0.19 -12.45
CA GLY B 9 12.01 0.83 -11.73
C GLY B 9 11.95 2.14 -12.41
N LEU B 10 13.15 2.66 -12.58
CA LEU B 10 13.31 3.99 -13.10
C LEU B 10 13.50 3.85 -14.59
N VAL B 11 12.79 4.66 -15.33
CA VAL B 11 12.89 4.76 -16.77
C VAL B 11 12.91 6.28 -16.97
N ALA B 12 13.86 6.83 -17.71
CA ALA B 12 13.95 8.26 -17.95
C ALA B 12 12.88 8.71 -18.95
N PRO B 13 12.37 9.94 -18.93
CA PRO B 13 11.25 10.39 -19.78
C PRO B 13 11.53 10.13 -21.26
N SER B 14 10.57 10.25 -22.16
CA SER B 14 10.72 9.90 -23.58
C SER B 14 11.28 8.50 -23.94
N GLN B 15 11.98 7.76 -23.07
CA GLN B 15 12.46 6.45 -23.39
C GLN B 15 11.27 5.46 -23.42
N SER B 16 11.52 4.14 -23.55
CA SER B 16 10.42 3.18 -23.67
C SER B 16 10.54 2.22 -22.54
N LEU B 17 9.40 1.60 -22.34
CA LEU B 17 9.18 0.71 -21.22
C LEU B 17 8.66 -0.60 -21.78
N SER B 18 9.12 -1.67 -21.17
CA SER B 18 8.55 -2.96 -21.45
C SER B 18 8.45 -3.56 -20.09
N ILE B 19 7.21 -3.95 -19.83
CA ILE B 19 6.84 -4.69 -18.61
C ILE B 19 6.45 -6.03 -19.24
N THR B 20 7.03 -7.09 -18.70
CA THR B 20 6.75 -8.47 -19.06
C THR B 20 5.88 -9.10 -17.97
N CYS B 21 4.70 -9.60 -18.37
CA CYS B 21 3.80 -10.37 -17.53
C CYS B 21 3.93 -11.90 -17.73
N THR B 22 4.42 -12.61 -16.73
CA THR B 22 4.57 -14.05 -16.74
C THR B 22 3.48 -14.76 -15.93
N VAL B 23 2.64 -15.42 -16.73
CA VAL B 23 1.47 -16.18 -16.28
C VAL B 23 1.84 -17.60 -15.81
N SER B 24 1.11 -18.23 -14.92
CA SER B 24 1.32 -19.61 -14.52
C SER B 24 -0.01 -20.17 -14.07
N GLY B 25 -0.26 -21.42 -14.48
CA GLY B 25 -1.46 -22.15 -14.09
C GLY B 25 -2.50 -22.08 -15.19
N PHE B 26 -2.17 -21.53 -16.34
CA PHE B 26 -3.09 -21.45 -17.46
C PHE B 26 -2.19 -21.11 -18.65
N SER B 27 -2.68 -20.93 -19.86
CA SER B 27 -1.81 -20.59 -20.95
C SER B 27 -2.57 -19.61 -21.76
N LEU B 28 -1.78 -18.89 -22.52
CA LEU B 28 -2.29 -17.78 -23.28
C LEU B 28 -3.08 -18.31 -24.46
N THR B 29 -2.89 -19.60 -24.73
CA THR B 29 -3.61 -20.31 -25.78
C THR B 29 -5.13 -20.19 -25.53
N THR B 30 -5.45 -20.13 -24.23
CA THR B 30 -6.81 -20.07 -23.72
C THR B 30 -7.15 -18.82 -22.92
N TYR B 31 -6.20 -17.99 -22.51
CA TYR B 31 -6.53 -16.84 -21.72
C TYR B 31 -5.85 -15.57 -22.19
N GLY B 32 -6.77 -14.61 -22.11
CA GLY B 32 -6.51 -13.18 -22.30
C GLY B 32 -5.79 -12.57 -21.09
N VAL B 33 -5.13 -11.46 -21.36
CA VAL B 33 -4.40 -10.70 -20.37
C VAL B 33 -4.72 -9.24 -20.58
N HIS B 34 -5.23 -8.66 -19.50
CA HIS B 34 -5.39 -7.20 -19.40
C HIS B 34 -4.12 -6.66 -18.73
N TRP B 35 -3.88 -5.43 -19.08
CA TRP B 35 -2.86 -4.64 -18.42
C TRP B 35 -3.72 -3.50 -17.84
N PHE B 36 -3.41 -3.08 -16.62
CA PHE B 36 -4.03 -1.97 -15.88
C PHE B 36 -2.88 -1.21 -15.25
N ARG B 37 -3.04 0.03 -14.80
CA ARG B 37 -2.03 0.64 -13.97
C ARG B 37 -2.78 1.47 -12.99
N GLN B 38 -2.14 1.76 -11.89
CA GLN B 38 -2.67 2.61 -10.86
C GLN B 38 -1.73 3.78 -10.53
N PRO B 39 -1.97 5.04 -10.92
CA PRO B 39 -1.07 6.16 -10.74
C PRO B 39 -1.16 6.44 -9.27
N PRO B 40 -0.02 6.66 -8.56
CA PRO B 40 0.08 6.76 -7.10
C PRO B 40 -1.04 7.57 -6.42
N GLY B 41 -1.72 6.82 -5.54
CA GLY B 41 -2.78 7.39 -4.75
C GLY B 41 -4.08 7.58 -5.51
N LYS B 42 -4.20 7.59 -6.84
CA LYS B 42 -5.53 7.75 -7.38
C LYS B 42 -6.16 6.47 -7.96
N GLY B 43 -7.05 6.53 -8.97
CA GLY B 43 -7.85 5.37 -9.44
C GLY B 43 -7.16 4.32 -10.34
N LEU B 44 -7.69 3.10 -10.52
CA LEU B 44 -7.11 2.09 -11.43
C LEU B 44 -7.50 2.46 -12.87
N GLU B 45 -6.66 2.13 -13.84
CA GLU B 45 -6.88 2.53 -15.23
C GLU B 45 -6.54 1.38 -16.13
N TRP B 46 -7.37 1.16 -17.14
CA TRP B 46 -7.18 0.06 -18.08
C TRP B 46 -6.31 0.57 -19.24
N LEU B 47 -5.36 -0.26 -19.65
CA LEU B 47 -4.44 0.07 -20.74
C LEU B 47 -4.90 -0.71 -21.97
N GLY B 48 -5.03 -2.02 -21.82
CA GLY B 48 -5.47 -2.80 -22.94
C GLY B 48 -5.54 -4.27 -22.65
N LEU B 49 -6.14 -4.94 -23.63
CA LEU B 49 -6.32 -6.38 -23.58
C LEU B 49 -5.76 -7.07 -24.80
N ILE B 50 -5.05 -8.17 -24.58
CA ILE B 50 -4.67 -9.01 -25.68
C ILE B 50 -5.53 -10.22 -25.42
N TRP B 51 -6.49 -10.48 -26.31
CA TRP B 51 -7.34 -11.67 -26.25
C TRP B 51 -6.55 -12.91 -26.54
N ALA B 52 -7.24 -14.06 -26.44
CA ALA B 52 -6.72 -15.41 -26.67
C ALA B 52 -5.91 -15.57 -27.97
N GLY B 53 -6.62 -15.36 -29.09
CA GLY B 53 -6.04 -15.51 -30.41
C GLY B 53 -5.11 -14.37 -30.81
N GLY B 54 -4.32 -13.79 -29.91
CA GLY B 54 -3.37 -12.71 -30.21
C GLY B 54 -3.97 -11.40 -30.68
N ASN B 55 -5.22 -11.20 -30.31
CA ASN B 55 -6.01 -10.08 -30.78
C ASN B 55 -5.90 -8.95 -29.75
N THR B 56 -5.99 -7.66 -30.04
CA THR B 56 -5.78 -6.61 -29.02
C THR B 56 -6.80 -5.48 -29.04
N ASP B 57 -7.13 -5.03 -27.85
CA ASP B 57 -7.99 -3.89 -27.69
C ASP B 57 -7.31 -2.93 -26.77
N TYR B 58 -7.33 -1.67 -27.16
CA TYR B 58 -6.58 -0.60 -26.51
C TYR B 58 -7.41 0.55 -26.00
N ASN B 59 -6.95 1.15 -24.92
CA ASN B 59 -7.58 2.33 -24.36
C ASN B 59 -7.26 3.44 -25.35
N SER B 60 -8.21 3.78 -26.21
CA SER B 60 -8.08 4.92 -27.12
C SER B 60 -7.77 6.09 -26.22
N ALA B 61 -6.53 6.55 -26.31
CA ALA B 61 -5.95 7.62 -25.51
C ALA B 61 -4.52 7.11 -25.68
N LEU B 62 -4.11 6.27 -24.73
CA LEU B 62 -2.75 5.71 -24.68
C LEU B 62 -2.40 5.02 -25.99
N MET B 63 -3.46 4.39 -26.54
CA MET B 63 -3.58 3.85 -27.89
C MET B 63 -2.35 3.90 -28.81
N SER B 64 -1.96 5.14 -29.17
CA SER B 64 -0.86 5.48 -30.05
C SER B 64 0.48 5.04 -29.48
N ARG B 65 0.65 5.25 -28.19
CA ARG B 65 1.87 4.97 -27.44
C ARG B 65 2.07 3.59 -26.87
N LEU B 66 1.12 2.67 -27.02
CA LEU B 66 1.41 1.30 -26.55
C LEU B 66 0.96 0.10 -27.40
N SER B 67 1.70 -0.96 -27.15
CA SER B 67 1.50 -2.22 -27.82
C SER B 67 1.60 -3.29 -26.76
N ILE B 68 0.83 -4.33 -26.92
CA ILE B 68 0.92 -5.49 -26.05
C ILE B 68 1.19 -6.69 -26.98
N ASN B 69 2.05 -7.65 -26.64
CA ASN B 69 2.28 -8.80 -27.51
C ASN B 69 2.64 -9.95 -26.64
N LYS B 70 2.13 -11.12 -27.01
CA LYS B 70 2.35 -12.35 -26.26
C LYS B 70 3.28 -13.32 -27.02
N ASP B 71 4.04 -14.10 -26.27
CA ASP B 71 4.77 -15.24 -26.80
C ASP B 71 4.01 -16.33 -26.04
N ASN B 72 3.05 -17.01 -26.68
CA ASN B 72 2.30 -18.12 -26.04
C ASN B 72 3.21 -19.20 -25.43
N SER B 73 4.28 -19.65 -26.13
CA SER B 73 5.19 -20.73 -25.70
C SER B 73 5.93 -20.43 -24.40
N LYS B 74 6.26 -19.13 -24.25
CA LYS B 74 7.05 -18.65 -23.10
C LYS B 74 6.19 -18.24 -21.89
N SER B 75 4.87 -18.10 -22.12
CA SER B 75 3.89 -17.68 -21.12
C SER B 75 4.24 -16.28 -20.59
N GLN B 76 4.19 -15.34 -21.53
CA GLN B 76 4.53 -13.98 -21.24
C GLN B 76 3.79 -13.10 -22.22
N VAL B 77 3.20 -12.08 -21.60
CA VAL B 77 2.66 -10.95 -22.35
C VAL B 77 3.68 -9.83 -22.11
N PHE B 78 3.86 -8.91 -23.06
CA PHE B 78 4.84 -7.82 -22.95
C PHE B 78 4.08 -6.59 -23.38
N LEU B 79 4.24 -5.50 -22.63
CA LEU B 79 3.59 -4.20 -22.90
C LEU B 79 4.75 -3.26 -23.17
N LYS B 80 4.65 -2.66 -24.33
CA LYS B 80 5.62 -1.70 -24.74
C LYS B 80 4.89 -0.35 -24.75
N MET B 81 5.53 0.55 -24.00
CA MET B 81 5.05 1.92 -23.82
C MET B 81 6.18 2.82 -24.26
N ASN B 82 5.86 3.70 -25.17
CA ASN B 82 6.87 4.62 -25.71
C ASN B 82 6.46 6.09 -25.64
N SER B 83 7.51 6.91 -25.42
CA SER B 83 7.50 8.36 -25.23
C SER B 83 6.99 8.59 -23.81
N LEU B 84 7.59 7.91 -22.86
CA LEU B 84 7.16 8.08 -21.49
C LEU B 84 7.13 9.54 -20.97
N GLN B 85 6.02 9.87 -20.33
CA GLN B 85 5.78 11.14 -19.68
C GLN B 85 5.88 10.82 -18.21
N ALA B 86 5.99 11.84 -17.37
CA ALA B 86 6.11 11.62 -15.93
C ALA B 86 4.82 11.17 -15.27
N ASP B 87 3.65 11.38 -15.86
CA ASP B 87 2.42 10.88 -15.24
C ASP B 87 2.11 9.42 -15.56
N ASP B 88 2.97 8.71 -16.30
CA ASP B 88 2.93 7.26 -16.53
C ASP B 88 3.55 6.57 -15.33
N THR B 89 3.89 7.34 -14.30
CA THR B 89 4.42 6.79 -13.06
C THR B 89 3.18 6.12 -12.52
N ALA B 90 3.30 4.85 -12.28
CA ALA B 90 2.16 4.10 -11.85
C ALA B 90 2.66 2.72 -11.50
N MET B 91 1.73 2.08 -10.81
CA MET B 91 1.85 0.69 -10.48
C MET B 91 1.29 0.05 -11.77
N TYR B 92 1.93 -0.99 -12.31
CA TYR B 92 1.48 -1.67 -13.54
C TYR B 92 1.15 -3.10 -13.17
N TYR B 93 -0.09 -3.48 -13.49
CA TYR B 93 -0.67 -4.81 -13.14
C TYR B 93 -1.20 -5.46 -14.43
N CYS B 94 -1.00 -6.76 -14.45
CA CYS B 94 -1.46 -7.61 -15.54
C CYS B 94 -2.51 -8.51 -14.87
N ALA B 95 -3.53 -8.87 -15.60
CA ALA B 95 -4.62 -9.60 -14.99
C ALA B 95 -5.10 -10.60 -15.99
N ARG B 96 -5.69 -11.67 -15.46
CA ARG B 96 -6.20 -12.73 -16.29
C ARG B 96 -7.60 -12.40 -16.69
N PHE B 97 -7.96 -12.69 -17.92
CA PHE B 97 -9.32 -12.52 -18.43
C PHE B 97 -10.01 -13.89 -18.60
N ARG B 98 -10.89 -14.35 -17.72
CA ARG B 98 -11.57 -15.63 -17.90
C ARG B 98 -12.81 -15.25 -18.72
N PHE B 99 -12.82 -15.65 -19.97
CA PHE B 99 -13.97 -15.43 -20.86
C PHE B 99 -14.51 -16.84 -21.15
N ALA B 100 -15.82 -17.04 -21.02
CA ALA B 100 -16.44 -18.30 -21.40
C ALA B 100 -17.48 -17.91 -22.45
N SER B 101 -18.27 -16.85 -22.26
CA SER B 101 -19.13 -16.34 -23.31
C SER B 101 -19.47 -14.94 -22.86
N TYR B 102 -20.15 -14.18 -23.71
CA TYR B 102 -20.59 -12.85 -23.41
C TYR B 102 -21.38 -12.66 -22.14
N TYR B 103 -21.79 -13.76 -21.54
CA TYR B 103 -22.58 -13.72 -20.33
C TYR B 103 -21.84 -14.43 -19.22
N ASP B 104 -20.53 -14.61 -19.31
CA ASP B 104 -19.79 -15.25 -18.26
C ASP B 104 -18.37 -15.02 -18.65
N TYR B 105 -17.81 -14.05 -17.93
CA TYR B 105 -16.39 -13.68 -18.02
C TYR B 105 -16.06 -12.90 -16.79
N ALA B 106 -14.78 -12.79 -16.50
CA ALA B 106 -14.30 -12.15 -15.29
C ALA B 106 -12.87 -11.66 -15.49
N VAL B 107 -12.39 -10.64 -14.82
CA VAL B 107 -10.98 -10.31 -14.87
C VAL B 107 -10.65 -10.88 -13.50
N ASP B 108 -10.24 -12.13 -13.48
CA ASP B 108 -10.28 -12.84 -12.22
C ASP B 108 -9.06 -13.02 -11.34
N TYR B 109 -7.86 -13.02 -11.90
CA TYR B 109 -6.61 -13.14 -11.14
C TYR B 109 -5.79 -11.89 -11.48
N TRP B 110 -5.05 -11.35 -10.52
CA TRP B 110 -4.28 -10.14 -10.71
C TRP B 110 -2.83 -10.39 -10.35
N GLY B 111 -1.95 -9.71 -11.09
CA GLY B 111 -0.56 -9.78 -10.73
C GLY B 111 -0.37 -8.83 -9.56
N GLN B 112 0.76 -8.99 -8.91
CA GLN B 112 1.19 -8.14 -7.81
C GLN B 112 1.41 -6.65 -8.17
N GLY B 113 1.88 -6.48 -9.39
CA GLY B 113 2.19 -5.16 -9.91
C GLY B 113 3.68 -4.89 -9.92
N THR B 114 4.16 -3.95 -10.73
CA THR B 114 5.53 -3.45 -10.54
C THR B 114 5.45 -1.93 -10.62
N SER B 115 6.28 -1.26 -9.80
CA SER B 115 6.39 0.22 -9.75
C SER B 115 7.42 0.74 -10.75
N VAL B 116 6.91 1.63 -11.61
CA VAL B 116 7.62 2.32 -12.70
C VAL B 116 7.56 3.80 -12.38
N THR B 117 8.70 4.43 -12.18
CA THR B 117 8.79 5.83 -11.88
C THR B 117 9.41 6.53 -13.08
N VAL B 118 8.74 7.42 -13.77
CA VAL B 118 9.34 8.09 -14.89
C VAL B 118 9.93 9.41 -14.34
N SER B 119 11.26 9.56 -14.40
CA SER B 119 11.95 10.76 -13.97
C SER B 119 13.37 10.71 -14.47
N SER B 120 13.96 11.89 -14.62
CA SER B 120 15.37 12.06 -14.96
C SER B 120 16.27 11.84 -13.76
N ALA B 121 15.87 11.37 -12.57
CA ALA B 121 16.81 11.20 -11.44
C ALA B 121 17.45 9.82 -11.45
N LYS B 122 18.34 9.60 -10.48
CA LYS B 122 19.13 8.40 -10.39
C LYS B 122 18.64 7.77 -9.10
N THR B 123 18.69 6.45 -9.09
CA THR B 123 18.25 5.69 -7.94
C THR B 123 19.31 5.89 -6.88
N THR B 124 18.78 5.78 -5.72
CA THR B 124 19.52 6.12 -4.56
C THR B 124 19.15 4.96 -3.65
N PRO B 125 20.12 4.27 -3.07
CA PRO B 125 19.94 3.15 -2.19
C PRO B 125 19.54 3.68 -0.81
N PRO B 126 18.81 2.96 0.02
CA PRO B 126 18.46 3.41 1.34
C PRO B 126 19.60 3.21 2.29
N SER B 127 19.55 4.05 3.32
CA SER B 127 20.39 3.85 4.49
C SER B 127 19.43 3.23 5.50
N VAL B 128 19.85 2.23 6.26
CA VAL B 128 18.95 1.50 7.13
C VAL B 128 19.59 1.68 8.46
N TYR B 129 18.79 2.10 9.42
CA TYR B 129 19.26 2.33 10.76
C TYR B 129 18.31 1.58 11.66
N PRO B 130 18.80 0.64 12.49
CA PRO B 130 18.04 -0.01 13.55
C PRO B 130 17.76 0.92 14.75
N LEU B 131 16.56 0.69 15.28
CA LEU B 131 16.05 1.44 16.41
C LEU B 131 15.72 0.40 17.48
N ALA B 132 16.37 0.43 18.65
CA ALA B 132 16.14 -0.50 19.77
C ALA B 132 15.99 0.28 21.08
N PRO B 133 15.14 -0.09 22.07
CA PRO B 133 15.02 0.62 23.34
C PRO B 133 16.39 0.49 23.99
N GLY B 134 16.96 1.67 24.19
CA GLY B 134 18.31 1.83 24.72
C GLY B 134 18.44 2.16 26.21
N CYS B 135 17.54 2.97 26.78
CA CYS B 135 17.55 3.23 28.23
C CYS B 135 16.72 2.04 28.75
N GLY B 136 17.37 1.32 29.67
CA GLY B 136 16.86 0.04 30.15
C GLY B 136 15.76 0.13 31.17
N ASP B 137 14.58 -0.24 30.71
CA ASP B 137 13.35 -0.31 31.50
C ASP B 137 12.98 -1.78 31.37
N THR B 138 12.50 -2.43 32.43
CA THR B 138 12.02 -3.82 32.33
C THR B 138 10.72 -3.73 31.53
N THR B 139 11.09 -3.92 30.27
CA THR B 139 10.18 -4.01 29.16
C THR B 139 9.47 -5.35 29.46
N GLY B 140 8.16 -5.14 29.63
CA GLY B 140 7.16 -6.12 30.02
C GLY B 140 7.30 -7.58 29.61
N SER B 141 6.66 -7.94 28.50
CA SER B 141 6.72 -9.29 27.96
C SER B 141 6.80 -9.30 26.43
N SER B 142 6.86 -8.06 25.94
CA SER B 142 6.85 -7.66 24.55
C SER B 142 7.78 -6.44 24.53
N VAL B 143 8.52 -6.25 23.47
CA VAL B 143 9.42 -5.12 23.32
C VAL B 143 9.15 -4.64 21.90
N THR B 144 9.39 -3.41 21.51
CA THR B 144 9.22 -2.99 20.13
C THR B 144 10.63 -2.69 19.60
N SER B 145 10.81 -2.95 18.33
CA SER B 145 12.06 -2.71 17.64
C SER B 145 11.61 -2.09 16.33
N GLY B 146 12.53 -1.46 15.63
CA GLY B 146 12.21 -0.82 14.39
C GLY B 146 13.41 -0.76 13.47
N CYS B 147 13.12 -0.45 12.22
CA CYS B 147 14.13 -0.24 11.22
C CYS B 147 13.75 1.02 10.53
N LEU B 148 14.67 1.94 10.29
CA LEU B 148 14.37 3.18 9.64
C LEU B 148 15.04 3.10 8.31
N VAL B 149 14.39 3.45 7.26
CA VAL B 149 14.91 3.31 5.93
C VAL B 149 14.83 4.68 5.33
N LYS B 150 15.99 5.21 4.99
CA LYS B 150 16.06 6.63 4.69
C LYS B 150 16.79 7.03 3.43
N GLY B 151 16.08 7.92 2.75
CA GLY B 151 16.57 8.59 1.59
C GLY B 151 16.61 7.78 0.31
N TYR B 152 15.75 6.82 0.02
CA TYR B 152 15.92 6.07 -1.22
C TYR B 152 15.15 6.70 -2.36
N PHE B 153 15.50 6.34 -3.58
CA PHE B 153 14.68 6.71 -4.72
C PHE B 153 14.85 5.60 -5.77
N PRO B 154 13.88 5.22 -6.64
CA PRO B 154 12.45 5.55 -6.57
C PRO B 154 11.78 4.62 -5.61
N GLU B 155 10.44 4.57 -5.59
CA GLU B 155 9.80 3.55 -4.76
C GLU B 155 9.71 2.29 -5.65
N PRO B 156 9.70 1.02 -5.16
CA PRO B 156 9.32 0.57 -3.81
C PRO B 156 10.45 0.11 -2.91
N VAL B 157 10.14 -0.26 -1.70
CA VAL B 157 11.13 -0.84 -0.82
C VAL B 157 10.42 -2.02 -0.17
N THR B 158 11.14 -3.02 0.29
CA THR B 158 10.49 -4.07 1.02
C THR B 158 11.31 -4.34 2.26
N VAL B 159 10.61 -4.16 3.37
CA VAL B 159 11.16 -4.37 4.69
C VAL B 159 10.42 -5.58 5.30
N THR B 160 11.17 -6.67 5.57
CA THR B 160 10.69 -7.94 6.13
C THR B 160 11.42 -8.17 7.45
N TRP B 161 10.82 -8.88 8.42
CA TRP B 161 11.48 -9.11 9.71
C TRP B 161 11.81 -10.62 9.81
N ASN B 162 13.08 -10.86 10.19
CA ASN B 162 13.85 -12.11 10.15
C ASN B 162 13.47 -12.83 8.87
N SER B 163 13.71 -12.17 7.77
CA SER B 163 13.42 -12.69 6.44
C SER B 163 11.97 -13.01 6.17
N GLY B 164 11.04 -12.92 7.14
CA GLY B 164 9.63 -13.17 6.88
C GLY B 164 8.91 -13.99 7.91
N SER B 165 9.72 -14.54 8.83
CA SER B 165 9.29 -15.31 10.00
C SER B 165 8.36 -14.54 10.94
N LEU B 166 8.68 -13.27 11.10
CA LEU B 166 7.86 -12.41 11.94
C LEU B 166 7.18 -11.49 10.97
N SER B 167 5.90 -11.72 10.96
CA SER B 167 4.98 -10.87 10.25
C SER B 167 3.74 -11.13 11.09
N SER B 168 3.88 -10.77 12.35
CA SER B 168 2.79 -10.99 13.28
C SER B 168 2.29 -9.62 13.68
N SER B 169 3.22 -8.98 14.39
CA SER B 169 3.01 -7.66 14.96
C SER B 169 3.93 -6.65 14.28
N VAL B 170 3.94 -6.72 12.95
CA VAL B 170 4.78 -5.89 12.10
C VAL B 170 3.91 -4.74 11.58
N HIS B 171 4.34 -3.50 11.80
CA HIS B 171 3.69 -2.32 11.26
C HIS B 171 4.66 -1.72 10.25
N THR B 172 4.15 -1.31 9.09
CA THR B 172 4.97 -0.75 8.04
C THR B 172 4.38 0.63 7.80
N PHE B 173 5.14 1.65 8.14
CA PHE B 173 4.61 2.99 8.06
C PHE B 173 4.82 3.43 6.64
N PRO B 174 3.83 3.84 5.80
CA PRO B 174 4.05 4.20 4.39
C PRO B 174 5.10 5.29 4.13
N ALA B 175 5.49 5.39 2.86
CA ALA B 175 6.57 6.30 2.51
C ALA B 175 6.30 7.77 2.21
N LEU B 176 7.25 8.59 2.69
CA LEU B 176 7.10 10.02 2.50
C LEU B 176 8.21 10.59 1.70
N LEU B 177 7.79 11.25 0.66
CA LEU B 177 8.70 11.94 -0.23
C LEU B 177 9.07 13.13 0.61
N GLN B 178 10.34 13.30 0.85
CA GLN B 178 10.83 14.49 1.54
C GLN B 178 11.58 15.24 0.45
N SER B 179 12.85 15.63 0.49
CA SER B 179 13.37 16.52 -0.57
C SER B 179 13.82 15.69 -1.79
N GLY B 180 12.84 15.17 -2.56
CA GLY B 180 13.04 14.32 -3.75
C GLY B 180 13.37 12.84 -3.48
N LEU B 181 13.38 12.43 -2.23
CA LEU B 181 13.75 11.10 -1.82
C LEU B 181 12.69 10.58 -0.87
N TYR B 182 12.61 9.27 -0.72
CA TYR B 182 11.63 8.67 0.18
C TYR B 182 12.25 8.11 1.44
N THR B 183 11.47 8.12 2.52
CA THR B 183 11.81 7.56 3.82
C THR B 183 10.55 6.80 4.28
N MET B 184 10.76 5.75 5.06
CA MET B 184 9.71 4.91 5.63
C MET B 184 10.29 4.17 6.83
N SER B 185 9.50 3.46 7.62
CA SER B 185 10.00 2.70 8.77
C SER B 185 9.12 1.50 9.11
N SER B 186 9.50 0.51 9.90
CA SER B 186 8.55 -0.52 10.28
C SER B 186 8.85 -0.91 11.70
N SER B 187 7.87 -1.23 12.52
CA SER B 187 8.10 -1.64 13.88
C SER B 187 7.63 -3.08 13.95
N VAL B 188 8.15 -3.81 14.91
CA VAL B 188 7.76 -5.17 15.18
C VAL B 188 7.74 -5.21 16.70
N THR B 189 6.81 -5.93 17.32
CA THR B 189 6.81 -6.19 18.75
C THR B 189 7.07 -7.70 18.90
N VAL B 190 8.11 -8.12 19.63
CA VAL B 190 8.45 -9.52 19.86
C VAL B 190 8.49 -9.67 21.36
N PRO B 191 8.33 -10.82 22.00
CA PRO B 191 8.51 -11.00 23.42
C PRO B 191 9.87 -10.67 23.99
N SER B 192 9.86 -10.51 25.29
CA SER B 192 11.04 -10.12 26.01
C SER B 192 11.79 -11.41 26.25
N SER B 193 12.46 -11.83 25.17
CA SER B 193 13.25 -13.08 25.05
C SER B 193 13.56 -13.26 23.55
N THR B 194 12.48 -13.24 22.76
CA THR B 194 12.52 -13.34 21.30
C THR B 194 13.24 -12.11 20.74
N TRP B 195 13.57 -11.13 21.58
CA TRP B 195 14.44 -10.05 21.20
C TRP B 195 15.82 -10.53 21.70
N PRO B 196 16.38 -10.29 22.92
CA PRO B 196 17.84 -10.06 23.16
C PRO B 196 18.83 -10.99 22.47
N SER B 197 18.70 -12.28 22.77
CA SER B 197 19.57 -13.28 22.16
C SER B 197 18.87 -14.09 21.09
N GLN B 198 17.73 -13.63 20.57
CA GLN B 198 17.10 -14.33 19.45
C GLN B 198 17.59 -13.71 18.16
N THR B 199 18.00 -12.45 18.29
CA THR B 199 18.58 -11.60 17.24
C THR B 199 17.53 -11.28 16.15
N VAL B 200 17.09 -10.02 16.09
CA VAL B 200 16.06 -9.69 15.11
C VAL B 200 16.77 -9.05 13.92
N THR B 201 16.17 -8.85 12.78
CA THR B 201 16.83 -8.37 11.59
C THR B 201 15.74 -7.82 10.69
N CYS B 202 15.95 -6.74 9.98
CA CYS B 202 14.99 -6.35 8.98
C CYS B 202 15.83 -6.45 7.73
N SER B 203 15.15 -6.83 6.69
CA SER B 203 15.86 -7.10 5.49
C SER B 203 15.21 -6.16 4.51
N VAL B 204 16.00 -5.21 4.02
CA VAL B 204 15.47 -4.19 3.16
C VAL B 204 16.07 -4.45 1.81
N ALA B 205 15.14 -4.59 0.89
CA ALA B 205 15.44 -4.89 -0.47
C ALA B 205 14.83 -3.76 -1.19
N HIS B 206 15.73 -3.03 -1.79
CA HIS B 206 15.34 -1.92 -2.56
C HIS B 206 15.67 -2.39 -3.97
N PRO B 207 14.65 -2.85 -4.71
CA PRO B 207 14.78 -3.35 -6.08
C PRO B 207 15.59 -2.46 -7.02
N ALA B 208 15.21 -1.23 -7.37
CA ALA B 208 15.89 -0.44 -8.40
C ALA B 208 17.40 -0.30 -8.27
N SER B 209 17.88 -0.27 -7.04
CA SER B 209 19.29 -0.13 -6.87
C SER B 209 19.99 -1.47 -6.72
N SER B 210 19.18 -2.47 -6.38
CA SER B 210 19.56 -3.85 -6.07
C SER B 210 20.39 -3.79 -4.80
N THR B 211 19.66 -3.24 -3.86
CA THR B 211 20.15 -3.14 -2.50
C THR B 211 19.32 -4.23 -1.83
N THR B 212 19.93 -5.02 -0.98
CA THR B 212 19.30 -6.04 -0.15
C THR B 212 20.30 -6.28 0.99
N VAL B 213 20.09 -5.36 1.95
CA VAL B 213 20.90 -5.20 3.16
C VAL B 213 20.02 -5.59 4.33
N ASP B 214 20.63 -6.33 5.24
CA ASP B 214 19.97 -6.82 6.45
C ASP B 214 20.72 -6.18 7.58
N LYS B 215 19.96 -5.52 8.43
CA LYS B 215 20.57 -4.87 9.57
C LYS B 215 20.05 -5.62 10.73
N LYS B 216 21.04 -5.98 11.48
CA LYS B 216 20.85 -6.74 12.70
C LYS B 216 20.58 -5.73 13.81
N LEU B 217 19.62 -5.99 14.69
CA LEU B 217 19.40 -5.18 15.88
C LEU B 217 20.09 -5.97 17.00
#